data_3TX0
#
_entry.id   3TX0
#
_cell.length_a   60.975
_cell.length_b   75.706
_cell.length_c   95.562
_cell.angle_alpha   90.00
_cell.angle_beta   90.00
_cell.angle_gamma   90.00
#
_symmetry.space_group_name_H-M   'P 21 21 21'
#
loop_
_entity.id
_entity.type
_entity.pdbx_description
1 polymer Phosphopentomutase
2 non-polymer 'MANGANESE (II) ION'
3 water water
#
_entity_poly.entity_id   1
_entity_poly.type   'polypeptide(L)'
_entity_poly.pdbx_seq_one_letter_code
;GSHMASNKYKRIFLVVMDSVGIGEAPDAEQFGDLGSDTIGHIAEHMNGLQMPNMVKLGLGNIREMKGISKVEKPLGYYTK
MQEKSTGKDTMTGHWEIMGLYIDTPFQVFPEGFPKELLDELEEKTGRKIIGNKPASGTEILDELGQEQMETGSLIVYTSA
DSVLQIAAHEEVVPLDELYKICKIARELTLDEKYMVGRVIARPFVGEPGNFTRTPNRHDYALKPFGRTVMNELKDSDYDV
IAIGKISDIYDGEGVTESLRTKSNMDGMDKLVDTLNMDFTGLSFLNLVDFDALFGHRRDPQGYGEALQEYDARLPEVFAK
LKEDDLLLITADHGNDPIHPGTDHTREYVPLLAYSPSMKEGGQELPLRQTFADIGATVAENFGVKMPEYGTSFLNELKK
;
_entity_poly.pdbx_strand_id   A
#
loop_
_chem_comp.id
_chem_comp.type
_chem_comp.name
_chem_comp.formula
MN non-polymer 'MANGANESE (II) ION' 'Mn 2'
#
# COMPACT_ATOMS: atom_id res chain seq x y z
N ASN A 7 17.41 -14.43 17.78
CA ASN A 7 16.86 -14.38 16.40
C ASN A 7 16.74 -15.76 15.75
N LYS A 8 15.51 -16.14 15.41
CA LYS A 8 15.24 -17.32 14.59
C LYS A 8 15.57 -16.99 13.14
N TYR A 9 15.25 -15.76 12.74
CA TYR A 9 15.64 -15.22 11.43
C TYR A 9 16.42 -13.94 11.58
N LYS A 10 17.49 -13.86 10.81
CA LYS A 10 18.33 -12.69 10.74
C LYS A 10 17.60 -11.56 10.02
N ARG A 11 17.00 -11.90 8.87
CA ARG A 11 16.33 -10.93 8.00
C ARG A 11 14.93 -11.41 7.59
N ILE A 12 13.99 -10.47 7.58
CA ILE A 12 12.63 -10.77 7.20
C ILE A 12 12.27 -9.85 6.04
N PHE A 13 11.91 -10.47 4.92
CA PHE A 13 11.50 -9.74 3.75
C PHE A 13 10.00 -9.82 3.66
N LEU A 14 9.37 -8.66 3.82
CA LEU A 14 7.90 -8.55 3.78
C LEU A 14 7.48 -7.84 2.51
N VAL A 15 6.61 -8.50 1.76
CA VAL A 15 6.14 -8.01 0.48
C VAL A 15 4.65 -7.84 0.57
N VAL A 16 4.20 -6.60 0.46
CA VAL A 16 2.78 -6.34 0.33
C VAL A 16 2.45 -6.21 -1.15
N MET A 17 1.57 -7.07 -1.61
CA MET A 17 1.04 -6.94 -2.97
C MET A 17 -0.22 -6.11 -2.87
N ASP A 18 -0.06 -4.83 -3.08
CA ASP A 18 -1.11 -3.87 -2.79
C ASP A 18 -2.44 -4.29 -3.48
N SER A 19 -3.51 -4.37 -2.69
CA SER A 19 -4.87 -4.70 -3.17
C SER A 19 -5.14 -6.12 -3.70
N VAL A 20 -4.20 -7.04 -3.49
CA VAL A 20 -4.36 -8.38 -4.05
C VAL A 20 -5.19 -9.23 -3.11
N GLY A 21 -6.49 -9.01 -3.12
CA GLY A 21 -7.36 -9.64 -2.13
C GLY A 21 -7.73 -11.02 -2.59
N ILE A 22 -8.12 -11.87 -1.65
CA ILE A 22 -8.37 -13.25 -1.98
C ILE A 22 -9.82 -13.67 -1.69
N GLY A 23 -10.74 -12.71 -1.76
CA GLY A 23 -12.15 -13.03 -1.58
C GLY A 23 -12.83 -12.19 -0.51
N GLU A 24 -14.11 -11.90 -0.72
CA GLU A 24 -14.85 -11.06 0.21
C GLU A 24 -14.72 -11.49 1.68
N ALA A 25 -14.47 -10.50 2.54
CA ALA A 25 -14.34 -10.74 3.98
C ALA A 25 -15.69 -11.02 4.62
N PRO A 26 -15.68 -11.65 5.80
CA PRO A 26 -16.94 -11.89 6.54
C PRO A 26 -17.80 -10.63 6.73
N ASP A 27 -17.16 -9.44 6.72
CA ASP A 27 -17.89 -8.19 6.94
C ASP A 27 -17.99 -7.25 5.71
N ALA A 28 -17.72 -7.78 4.52
CA ALA A 28 -17.83 -7.07 3.23
C ALA A 28 -19.10 -6.22 3.05
N GLU A 29 -20.24 -6.72 3.53
CA GLU A 29 -21.53 -6.02 3.39
C GLU A 29 -21.51 -4.60 3.96
N GLN A 30 -20.66 -4.41 4.95
CA GLN A 30 -20.61 -3.15 5.64
C GLN A 30 -19.88 -2.15 4.78
N PHE A 31 -19.19 -2.66 3.76
CA PHE A 31 -18.31 -1.85 2.87
C PHE A 31 -18.78 -1.81 1.43
N GLY A 32 -19.92 -2.44 1.18
CA GLY A 32 -20.54 -2.45 -0.13
C GLY A 32 -19.75 -3.30 -1.08
N ASP A 33 -19.15 -4.35 -0.54
CA ASP A 33 -18.25 -5.17 -1.32
C ASP A 33 -18.72 -6.60 -1.43
N LEU A 34 -20.02 -6.79 -1.29
CA LEU A 34 -20.63 -8.11 -1.46
C LEU A 34 -20.29 -8.66 -2.83
N GLY A 35 -19.67 -9.84 -2.86
CA GLY A 35 -19.33 -10.51 -4.09
C GLY A 35 -17.99 -10.14 -4.70
N SER A 36 -17.08 -9.63 -3.87
CA SER A 36 -15.77 -9.23 -4.35
C SER A 36 -14.75 -10.35 -4.22
N ASP A 37 -13.84 -10.42 -5.19
CA ASP A 37 -12.86 -11.49 -5.29
C ASP A 37 -11.77 -11.06 -6.24
N THR A 38 -10.77 -10.35 -5.73
CA THR A 38 -9.73 -9.80 -6.59
C THR A 38 -9.02 -10.86 -7.42
N ILE A 39 -8.25 -11.74 -6.79
CA ILE A 39 -7.54 -12.77 -7.57
C ILE A 39 -8.47 -13.69 -8.34
N GLY A 40 -9.46 -14.25 -7.65
CA GLY A 40 -10.44 -15.11 -8.30
C GLY A 40 -11.10 -14.51 -9.54
N HIS A 41 -11.46 -13.23 -9.51
CA HIS A 41 -12.13 -12.66 -10.66
C HIS A 41 -11.17 -12.44 -11.80
N ILE A 42 -9.93 -12.07 -11.45
CA ILE A 42 -8.86 -11.92 -12.43
C ILE A 42 -8.56 -13.25 -13.13
N ALA A 43 -8.31 -14.30 -12.34
CA ALA A 43 -8.17 -15.67 -12.85
C ALA A 43 -9.27 -16.10 -13.83
N GLU A 44 -10.51 -15.70 -13.55
CA GLU A 44 -11.63 -16.02 -14.46
C GLU A 44 -11.48 -15.24 -15.75
N HIS A 45 -11.26 -13.93 -15.62
CA HIS A 45 -11.06 -13.07 -16.79
C HIS A 45 -9.86 -13.53 -17.63
N MET A 46 -8.79 -13.97 -16.97
CA MET A 46 -7.55 -14.45 -17.60
C MET A 46 -7.69 -15.82 -18.25
N ASN A 47 -8.81 -16.49 -17.99
CA ASN A 47 -8.98 -17.89 -18.36
C ASN A 47 -7.86 -18.74 -17.79
N GLY A 48 -7.60 -18.58 -16.51
CA GLY A 48 -6.46 -19.25 -15.92
C GLY A 48 -5.32 -18.26 -15.72
N LEU A 49 -4.90 -18.13 -14.48
CA LEU A 49 -3.79 -17.29 -14.13
C LEU A 49 -2.51 -18.14 -14.06
N GLN A 50 -1.39 -17.58 -14.51
CA GLN A 50 -0.14 -18.32 -14.55
C GLN A 50 0.73 -17.73 -13.45
N MET A 51 0.87 -18.46 -12.35
CA MET A 51 1.61 -18.00 -11.19
C MET A 51 2.33 -19.20 -10.55
N PRO A 52 3.19 -19.88 -11.33
CA PRO A 52 3.76 -21.14 -10.84
C PRO A 52 4.49 -21.05 -9.50
N ASN A 53 5.13 -19.93 -9.23
CA ASN A 53 5.88 -19.77 -7.99
C ASN A 53 5.03 -19.52 -6.72
N MET A 54 4.02 -18.68 -6.85
CA MET A 54 3.09 -18.45 -5.77
C MET A 54 2.36 -19.77 -5.51
N VAL A 55 2.02 -20.46 -6.58
CA VAL A 55 1.38 -21.76 -6.46
C VAL A 55 2.29 -22.71 -5.70
N LYS A 56 3.59 -22.66 -6.00
CA LYS A 56 4.57 -23.49 -5.35
C LYS A 56 4.65 -23.16 -3.86
N LEU A 57 4.54 -21.89 -3.53
CA LEU A 57 4.58 -21.44 -2.15
C LEU A 57 3.32 -21.88 -1.42
N GLY A 58 2.28 -22.18 -2.18
CA GLY A 58 1.05 -22.69 -1.63
C GLY A 58 -0.18 -21.81 -1.83
N LEU A 59 -0.11 -20.87 -2.76
CA LEU A 59 -1.22 -19.97 -2.98
C LEU A 59 -2.51 -20.73 -3.25
N GLY A 60 -2.42 -21.77 -4.06
CA GLY A 60 -3.59 -22.57 -4.42
C GLY A 60 -4.05 -23.44 -3.27
N ASN A 61 -3.18 -23.67 -2.31
CA ASN A 61 -3.52 -24.45 -1.14
C ASN A 61 -4.35 -23.64 -0.16
N ILE A 62 -4.33 -22.33 -0.35
CA ILE A 62 -5.16 -21.42 0.43
C ILE A 62 -6.55 -21.41 -0.17
N ARG A 63 -6.61 -21.23 -1.48
CA ARG A 63 -7.86 -21.19 -2.20
C ARG A 63 -7.54 -21.54 -3.64
N GLU A 64 -8.36 -22.41 -4.22
CA GLU A 64 -8.12 -22.88 -5.58
C GLU A 64 -8.88 -22.00 -6.55
N MET A 65 -8.18 -21.53 -7.57
CA MET A 65 -8.76 -20.62 -8.54
C MET A 65 -8.32 -20.99 -9.96
N LYS A 66 -8.92 -20.33 -10.94
CA LYS A 66 -8.61 -20.60 -12.33
C LYS A 66 -7.10 -20.52 -12.43
N GLY A 67 -6.49 -21.58 -12.96
CA GLY A 67 -5.06 -21.62 -13.13
C GLY A 67 -4.22 -21.86 -11.90
N ILE A 68 -4.84 -21.74 -10.74
CA ILE A 68 -4.13 -21.86 -9.47
C ILE A 68 -4.68 -23.09 -8.76
N SER A 69 -3.92 -24.18 -8.80
CA SER A 69 -4.35 -25.41 -8.16
C SER A 69 -3.41 -25.64 -6.98
N LYS A 70 -3.87 -26.45 -6.03
CA LYS A 70 -3.09 -26.73 -4.84
C LYS A 70 -2.01 -27.76 -5.11
N VAL A 71 -0.92 -27.67 -4.35
CA VAL A 71 0.19 -28.59 -4.51
C VAL A 71 0.23 -29.57 -3.35
N GLU A 72 1.02 -30.63 -3.50
CA GLU A 72 1.09 -31.67 -2.49
C GLU A 72 2.07 -31.30 -1.38
N LYS A 73 3.21 -30.75 -1.76
CA LYS A 73 4.21 -30.33 -0.79
C LYS A 73 4.63 -28.88 -1.02
N PRO A 74 3.89 -27.96 -0.44
CA PRO A 74 4.16 -26.53 -0.63
C PRO A 74 5.48 -26.11 0.00
N LEU A 75 6.12 -25.11 -0.58
CA LEU A 75 7.41 -24.64 -0.10
C LEU A 75 7.29 -23.87 1.21
N GLY A 76 6.22 -23.12 1.36
CA GLY A 76 6.02 -22.32 2.55
C GLY A 76 4.81 -22.67 3.41
N TYR A 77 4.54 -21.83 4.39
CA TYR A 77 3.32 -21.95 5.18
C TYR A 77 2.31 -21.01 4.55
N TYR A 78 1.02 -21.31 4.74
CA TYR A 78 -0.04 -20.63 4.02
C TYR A 78 -1.32 -20.50 4.81
N THR A 79 -2.05 -19.42 4.55
CA THR A 79 -3.32 -19.12 5.19
C THR A 79 -3.88 -17.83 4.59
N LYS A 80 -5.00 -17.36 5.16
CA LYS A 80 -5.67 -16.10 4.82
C LYS A 80 -5.60 -15.21 6.06
N MET A 81 -5.70 -13.91 5.87
CA MET A 81 -5.87 -12.99 7.00
C MET A 81 -7.15 -12.17 6.88
N GLN A 82 -7.79 -11.99 8.02
CA GLN A 82 -8.99 -11.19 8.14
C GLN A 82 -8.60 -9.84 8.69
N GLU A 83 -9.21 -8.78 8.18
CA GLU A 83 -8.89 -7.45 8.67
C GLU A 83 -9.73 -7.08 9.89
N LYS A 84 -9.09 -6.52 10.91
CA LYS A 84 -9.82 -6.12 12.11
C LYS A 84 -10.26 -4.65 12.10
N SER A 85 -9.43 -3.76 11.55
CA SER A 85 -9.72 -2.33 11.50
C SER A 85 -10.98 -2.01 10.70
N THR A 86 -11.49 -0.80 10.89
CA THR A 86 -12.77 -0.45 10.30
C THR A 86 -12.60 0.21 8.94
N GLY A 87 -11.36 0.31 8.47
CA GLY A 87 -11.09 0.76 7.09
C GLY A 87 -10.56 -0.30 6.12
N LYS A 88 -10.58 0.03 4.84
CA LYS A 88 -10.11 -0.83 3.75
C LYS A 88 -9.18 -0.05 2.83
N ASP A 89 -8.64 1.06 3.35
CA ASP A 89 -7.66 1.88 2.65
C ASP A 89 -6.23 1.34 2.86
N THR A 90 -5.28 1.86 2.09
CA THR A 90 -3.87 1.42 2.13
C THR A 90 -3.24 1.70 3.48
N MET A 91 -3.47 2.89 4.04
CA MET A 91 -2.87 3.21 5.33
C MET A 91 -3.38 2.32 6.49
N THR A 92 -4.67 2.10 6.50
CA THR A 92 -5.30 1.26 7.51
C THR A 92 -4.69 -0.13 7.46
N GLY A 93 -4.60 -0.72 6.27
CA GLY A 93 -4.01 -2.03 6.03
C GLY A 93 -2.59 -2.16 6.54
N HIS A 94 -1.74 -1.22 6.16
CA HIS A 94 -0.33 -1.27 6.51
C HIS A 94 -0.12 -1.07 8.01
N TRP A 95 -0.90 -0.15 8.59
CA TRP A 95 -0.88 0.13 10.02
C TRP A 95 -1.33 -1.11 10.82
N GLU A 96 -2.42 -1.75 10.41
CA GLU A 96 -2.77 -3.03 10.99
C GLU A 96 -1.67 -4.10 10.89
N ILE A 97 -1.02 -4.20 9.74
CA ILE A 97 0.03 -5.19 9.50
C ILE A 97 1.17 -5.02 10.49
N MET A 98 1.43 -3.78 10.89
CA MET A 98 2.57 -3.45 11.74
C MET A 98 2.12 -3.22 13.20
N GLY A 99 0.92 -3.73 13.49
CA GLY A 99 0.51 -3.95 14.86
C GLY A 99 -0.58 -3.07 15.45
N LEU A 100 -1.20 -2.19 14.65
CA LEU A 100 -2.19 -1.23 15.17
C LEU A 100 -3.63 -1.61 14.83
N TYR A 101 -4.58 -1.05 15.57
CA TYR A 101 -5.98 -1.31 15.29
C TYR A 101 -6.64 0.05 15.05
N ILE A 102 -7.30 0.20 13.92
CA ILE A 102 -7.75 1.50 13.49
C ILE A 102 -9.26 1.49 13.46
N ASP A 103 -9.84 2.40 14.23
CA ASP A 103 -11.28 2.56 14.29
C ASP A 103 -11.72 3.79 13.51
N THR A 104 -10.76 4.68 13.23
CA THR A 104 -11.02 5.86 12.42
C THR A 104 -10.21 5.63 11.14
N PRO A 105 -10.91 5.27 10.06
CA PRO A 105 -10.19 4.87 8.87
C PRO A 105 -10.12 6.08 7.90
N PHE A 106 -9.34 5.93 6.84
CA PHE A 106 -9.12 6.98 5.87
C PHE A 106 -10.03 6.83 4.68
N GLN A 107 -10.35 7.97 4.05
CA GLN A 107 -11.08 7.97 2.79
C GLN A 107 -10.07 7.86 1.65
N VAL A 108 -10.36 6.96 0.72
CA VAL A 108 -9.52 6.74 -0.45
C VAL A 108 -9.79 7.80 -1.51
N PHE A 109 -11.03 8.29 -1.62
CA PHE A 109 -11.39 9.31 -2.61
C PHE A 109 -10.81 8.98 -3.99
N PRO A 110 -11.24 7.84 -4.58
CA PRO A 110 -10.52 7.44 -5.78
C PRO A 110 -10.75 8.36 -6.98
N GLU A 111 -11.90 9.06 -6.97
CA GLU A 111 -12.35 9.90 -8.09
C GLU A 111 -12.32 11.40 -7.79
N GLY A 112 -11.79 11.77 -6.64
CA GLY A 112 -11.78 13.16 -6.20
C GLY A 112 -12.61 13.36 -4.95
N PHE A 113 -12.88 14.64 -4.64
CA PHE A 113 -13.43 15.04 -3.35
C PHE A 113 -14.87 15.54 -3.47
N PRO A 114 -15.70 15.31 -2.42
CA PRO A 114 -17.07 15.89 -2.49
C PRO A 114 -17.02 17.42 -2.48
N LYS A 115 -17.96 18.03 -3.20
CA LYS A 115 -17.99 19.46 -3.44
C LYS A 115 -17.94 20.30 -2.15
N GLU A 116 -18.74 19.90 -1.16
CA GLU A 116 -18.81 20.61 0.11
C GLU A 116 -17.45 20.78 0.82
N LEU A 117 -16.57 19.79 0.74
CA LEU A 117 -15.21 19.98 1.27
C LEU A 117 -14.47 21.07 0.50
N LEU A 118 -14.60 21.06 -0.82
CA LEU A 118 -13.86 22.03 -1.62
C LEU A 118 -14.44 23.46 -1.57
N ASP A 119 -15.75 23.59 -1.42
CA ASP A 119 -16.37 24.89 -1.22
C ASP A 119 -15.97 25.49 0.12
N GLU A 120 -15.83 24.63 1.12
CA GLU A 120 -15.33 25.05 2.42
C GLU A 120 -13.90 25.61 2.32
N LEU A 121 -13.04 24.93 1.56
CA LEU A 121 -11.66 25.40 1.31
C LEU A 121 -11.61 26.69 0.43
N GLU A 122 -12.54 26.86 -0.49
CA GLU A 122 -12.69 28.12 -1.25
C GLU A 122 -13.07 29.28 -0.32
N GLU A 123 -14.15 29.06 0.44
CA GLU A 123 -14.61 29.98 1.47
C GLU A 123 -13.54 30.28 2.51
N LYS A 124 -12.66 29.34 2.79
CA LYS A 124 -11.62 29.59 3.78
C LYS A 124 -10.36 30.28 3.22
N THR A 125 -10.13 30.19 1.90
CA THR A 125 -8.86 30.69 1.32
C THR A 125 -8.90 31.95 0.47
N GLY A 126 -10.08 32.29 -0.06
CA GLY A 126 -10.21 33.43 -0.96
C GLY A 126 -9.95 33.02 -2.41
N ARG A 127 -9.77 31.71 -2.61
CA ARG A 127 -9.45 31.16 -3.92
C ARG A 127 -10.49 30.25 -4.47
N LYS A 128 -10.44 30.10 -5.78
CA LYS A 128 -11.32 29.20 -6.45
C LYS A 128 -10.57 27.91 -6.75
N ILE A 129 -11.30 26.82 -6.91
CA ILE A 129 -10.62 25.55 -7.14
C ILE A 129 -11.00 24.94 -8.46
N ILE A 130 -10.00 24.41 -9.14
CA ILE A 130 -10.20 23.72 -10.42
C ILE A 130 -9.63 22.32 -10.29
N GLY A 131 -10.08 21.42 -11.16
CA GLY A 131 -9.56 20.07 -11.21
C GLY A 131 -10.50 19.06 -10.56
N ASN A 132 -10.12 18.68 -9.34
CA ASN A 132 -10.86 17.71 -8.54
C ASN A 132 -11.05 16.36 -9.24
N LYS A 133 -9.92 15.76 -9.60
CA LYS A 133 -9.90 14.52 -10.35
C LYS A 133 -8.63 13.75 -9.99
N PRO A 134 -8.68 12.41 -10.19
CA PRO A 134 -7.45 11.65 -10.01
C PRO A 134 -6.53 11.86 -11.22
N ALA A 135 -5.27 12.19 -10.97
CA ALA A 135 -4.33 12.46 -12.02
C ALA A 135 -2.89 12.35 -11.51
N SER A 136 -1.94 12.09 -12.42
CA SER A 136 -0.51 12.20 -12.11
C SER A 136 -0.13 13.68 -12.09
N GLY A 137 0.96 14.00 -11.39
CA GLY A 137 1.42 15.38 -11.19
C GLY A 137 1.62 16.16 -12.48
N THR A 138 2.23 15.49 -13.46
CA THR A 138 2.61 16.15 -14.70
C THR A 138 1.45 16.30 -15.69
N GLU A 139 0.53 15.33 -15.68
CA GLU A 139 -0.64 15.35 -16.57
C GLU A 139 -1.62 16.48 -16.24
N ILE A 140 -1.80 16.76 -14.96
CA ILE A 140 -2.70 17.84 -14.49
C ILE A 140 -2.09 19.24 -14.72
N LEU A 141 -0.76 19.31 -14.62
CA LEU A 141 -0.03 20.54 -14.91
C LEU A 141 -0.06 20.87 -16.40
N ASP A 142 -0.06 19.82 -17.23
CA ASP A 142 -0.19 19.99 -18.67
C ASP A 142 -1.62 20.40 -19.01
N GLU A 143 -2.57 19.81 -18.30
CA GLU A 143 -3.98 20.08 -18.54
C GLU A 143 -4.38 21.45 -17.98
N LEU A 144 -4.02 21.74 -16.73
CA LEU A 144 -4.56 22.93 -16.07
C LEU A 144 -3.56 23.98 -15.60
N GLY A 145 -2.27 23.73 -15.80
CA GLY A 145 -1.20 24.67 -15.37
C GLY A 145 -1.33 26.11 -15.86
N GLN A 146 -1.73 26.26 -17.13
CA GLN A 146 -1.97 27.57 -17.75
C GLN A 146 -3.25 28.24 -17.19
N GLU A 147 -4.31 27.47 -16.96
CA GLU A 147 -5.55 28.01 -16.37
C GLU A 147 -5.29 28.44 -14.91
N GLN A 148 -4.44 27.70 -14.21
CA GLN A 148 -3.95 28.14 -12.89
C GLN A 148 -3.31 29.53 -12.96
N MET A 149 -2.37 29.72 -13.89
CA MET A 149 -1.61 30.97 -13.98
C MET A 149 -2.49 32.18 -14.27
N GLU A 150 -3.33 32.05 -15.28
CA GLU A 150 -4.20 33.13 -15.70
C GLU A 150 -5.31 33.51 -14.72
N THR A 151 -5.94 32.51 -14.08
CA THR A 151 -7.12 32.71 -13.22
C THR A 151 -6.80 32.78 -11.73
N GLY A 152 -5.64 32.24 -11.34
CA GLY A 152 -5.27 32.16 -9.94
C GLY A 152 -5.94 31.06 -9.13
N SER A 153 -6.75 30.21 -9.80
CA SER A 153 -7.36 29.04 -9.13
C SER A 153 -6.36 28.01 -8.63
N LEU A 154 -6.76 27.31 -7.57
CA LEU A 154 -5.96 26.22 -7.07
C LEU A 154 -6.28 24.97 -7.84
N ILE A 155 -5.21 24.26 -8.18
CA ILE A 155 -5.33 22.98 -8.85
C ILE A 155 -5.36 21.91 -7.76
N VAL A 156 -6.53 21.27 -7.68
CA VAL A 156 -6.68 20.26 -6.66
C VAL A 156 -6.93 18.91 -7.28
N TYR A 157 -6.06 17.97 -6.93
CA TYR A 157 -6.16 16.62 -7.48
C TYR A 157 -5.78 15.54 -6.47
N THR A 158 -5.97 14.29 -6.89
CA THR A 158 -5.60 13.14 -6.08
C THR A 158 -4.96 12.06 -6.96
N SER A 159 -4.23 11.13 -6.34
CA SER A 159 -3.88 9.88 -7.03
C SER A 159 -4.94 8.80 -6.72
N ALA A 160 -4.62 7.54 -7.02
CA ALA A 160 -5.38 6.39 -6.59
C ALA A 160 -5.67 6.37 -5.05
N ASP A 161 -4.71 6.82 -4.21
CA ASP A 161 -4.93 6.69 -2.74
C ASP A 161 -4.99 7.98 -1.93
N SER A 162 -5.04 7.86 -0.60
CA SER A 162 -5.61 8.90 0.29
C SER A 162 -4.80 10.18 0.37
N VAL A 163 -4.69 10.84 -0.77
CA VAL A 163 -3.87 12.01 -0.90
C VAL A 163 -4.67 13.16 -1.51
N LEU A 164 -4.52 14.34 -0.91
CA LEU A 164 -5.06 15.55 -1.51
C LEU A 164 -3.89 16.44 -1.85
N GLN A 165 -3.76 16.71 -3.13
CA GLN A 165 -2.66 17.53 -3.62
C GLN A 165 -3.18 18.85 -4.10
N ILE A 166 -2.42 19.89 -3.81
CA ILE A 166 -2.76 21.22 -4.26
C ILE A 166 -1.58 21.81 -5.02
N ALA A 167 -1.81 22.07 -6.30
CA ALA A 167 -0.75 22.58 -7.12
C ALA A 167 -1.06 24.02 -7.49
N ALA A 168 -0.01 24.83 -7.48
CA ALA A 168 -0.07 26.26 -7.82
C ALA A 168 1.30 26.78 -8.20
N HIS A 169 1.30 27.64 -9.20
CA HIS A 169 2.52 28.28 -9.66
C HIS A 169 3.12 29.20 -8.58
N GLU A 170 4.41 29.02 -8.29
CA GLU A 170 5.10 29.90 -7.31
C GLU A 170 5.14 31.41 -7.64
N GLU A 171 4.89 31.78 -8.90
CA GLU A 171 4.86 33.19 -9.30
C GLU A 171 3.43 33.74 -9.20
N VAL A 172 2.46 32.84 -9.14
CA VAL A 172 1.03 33.19 -9.00
C VAL A 172 0.44 33.05 -7.56
N VAL A 173 0.86 32.02 -6.85
CA VAL A 173 0.48 31.80 -5.47
C VAL A 173 1.82 31.71 -4.74
N PRO A 174 2.19 32.75 -3.98
CA PRO A 174 3.48 32.61 -3.29
C PRO A 174 3.48 31.36 -2.39
N LEU A 175 4.66 30.76 -2.27
CA LEU A 175 4.87 29.56 -1.47
C LEU A 175 4.23 29.62 -0.10
N ASP A 176 4.47 30.72 0.61
CA ASP A 176 3.85 30.93 1.92
C ASP A 176 2.31 30.88 1.90
N GLU A 177 1.69 31.31 0.79
CA GLU A 177 0.24 31.27 0.70
C GLU A 177 -0.17 29.83 0.44
N LEU A 178 0.60 29.15 -0.40
CA LEU A 178 0.31 27.77 -0.68
C LEU A 178 0.31 26.89 0.59
N TYR A 179 1.39 26.97 1.37
CA TYR A 179 1.49 26.21 2.61
C TYR A 179 0.34 26.54 3.52
N LYS A 180 0.06 27.84 3.69
CA LYS A 180 -1.07 28.25 4.53
C LYS A 180 -2.33 27.52 4.11
N ILE A 181 -2.54 27.40 2.78
CA ILE A 181 -3.72 26.74 2.20
C ILE A 181 -3.74 25.24 2.48
N CYS A 182 -2.58 24.62 2.45
CA CYS A 182 -2.48 23.19 2.68
C CYS A 182 -2.71 22.84 4.15
N LYS A 183 -2.28 23.75 5.03
CA LYS A 183 -2.53 23.62 6.46
C LYS A 183 -4.02 23.73 6.76
N ILE A 184 -4.71 24.63 6.07
CA ILE A 184 -6.16 24.71 6.20
C ILE A 184 -6.78 23.42 5.74
N ALA A 185 -6.34 22.94 4.58
CA ALA A 185 -6.89 21.76 3.96
C ALA A 185 -6.68 20.54 4.87
N ARG A 186 -5.49 20.50 5.47
CA ARG A 186 -5.11 19.48 6.43
C ARG A 186 -5.98 19.48 7.69
N GLU A 187 -6.37 20.67 8.16
CA GLU A 187 -7.28 20.72 9.29
C GLU A 187 -8.69 20.31 8.89
N LEU A 188 -9.11 20.68 7.68
CA LEU A 188 -10.45 20.32 7.22
C LEU A 188 -10.65 18.83 6.95
N THR A 189 -9.54 18.12 6.69
CA THR A 189 -9.58 16.73 6.31
C THR A 189 -9.09 15.90 7.48
N LEU A 190 -9.11 16.54 8.63
CA LEU A 190 -8.89 15.89 9.89
C LEU A 190 -10.28 15.82 10.46
N ASP A 191 -11.10 15.01 9.82
CA ASP A 191 -12.53 14.91 10.07
C ASP A 191 -12.80 13.49 9.55
N GLU A 192 -13.51 12.66 10.31
CA GLU A 192 -13.70 11.24 9.90
C GLU A 192 -14.40 11.12 8.54
N LYS A 193 -15.39 11.96 8.26
CA LYS A 193 -16.00 11.94 6.92
C LYS A 193 -15.09 12.34 5.76
N TYR A 194 -14.05 13.11 6.06
CA TYR A 194 -13.14 13.59 5.03
C TYR A 194 -11.72 13.23 5.32
N MET A 195 -11.45 12.09 5.95
CA MET A 195 -10.10 11.81 6.46
C MET A 195 -9.18 11.51 5.28
N VAL A 196 -8.24 12.42 5.00
CA VAL A 196 -7.14 12.10 4.09
C VAL A 196 -5.87 11.83 4.90
N GLY A 197 -5.01 10.97 4.38
CA GLY A 197 -3.80 10.56 5.09
C GLY A 197 -2.65 11.54 4.92
N ARG A 198 -2.63 12.20 3.77
CA ARG A 198 -1.58 13.11 3.39
C ARG A 198 -2.18 14.23 2.51
N VAL A 199 -2.02 15.49 2.93
CA VAL A 199 -2.24 16.64 2.05
C VAL A 199 -0.85 17.05 1.61
N ILE A 200 -0.68 17.29 0.32
CA ILE A 200 0.59 17.64 -0.30
C ILE A 200 0.51 18.97 -1.05
N ALA A 201 1.41 19.87 -0.67
CA ALA A 201 1.60 21.15 -1.35
C ALA A 201 2.49 20.86 -2.55
N ARG A 202 2.06 21.30 -3.71
CA ARG A 202 2.76 20.97 -4.94
C ARG A 202 3.05 22.22 -5.78
N PRO A 203 4.00 23.04 -5.29
CA PRO A 203 4.46 24.21 -6.03
C PRO A 203 5.02 23.82 -7.39
N PHE A 204 4.71 24.60 -8.42
CA PHE A 204 5.43 24.46 -9.67
C PHE A 204 5.86 25.79 -10.28
N VAL A 205 6.86 25.72 -11.17
CA VAL A 205 7.32 26.87 -11.98
C VAL A 205 7.41 26.49 -13.44
N GLY A 206 7.86 27.45 -14.24
CA GLY A 206 7.99 27.29 -15.69
C GLY A 206 6.96 28.14 -16.41
N GLU A 207 6.71 27.81 -17.66
CA GLU A 207 5.72 28.53 -18.45
C GLU A 207 4.85 27.51 -19.17
N PRO A 208 3.71 27.92 -19.75
CA PRO A 208 2.76 26.95 -20.36
C PRO A 208 3.39 25.94 -21.34
N GLY A 209 3.06 24.66 -21.20
CA GLY A 209 3.70 23.64 -22.04
C GLY A 209 5.11 23.26 -21.61
N ASN A 210 5.55 23.75 -20.46
CA ASN A 210 6.88 23.43 -19.92
C ASN A 210 6.98 23.67 -18.41
N PHE A 211 6.15 22.95 -17.65
CA PHE A 211 6.10 23.13 -16.20
C PHE A 211 6.97 22.13 -15.43
N THR A 212 7.48 22.56 -14.28
CA THR A 212 8.30 21.69 -13.42
C THR A 212 7.93 21.84 -11.95
N ARG A 213 7.75 20.70 -11.27
CA ARG A 213 7.50 20.67 -9.84
C ARG A 213 8.80 20.96 -9.08
N THR A 214 8.71 21.66 -7.97
CA THR A 214 9.91 22.15 -7.30
C THR A 214 10.15 21.48 -5.95
N PRO A 215 11.40 21.53 -5.42
CA PRO A 215 11.66 20.89 -4.12
C PRO A 215 11.05 21.65 -2.93
N ASN A 216 10.08 22.52 -3.22
CA ASN A 216 9.33 23.24 -2.19
C ASN A 216 8.03 22.54 -1.81
N ARG A 217 7.89 21.31 -2.29
CA ARG A 217 6.87 20.41 -1.82
C ARG A 217 6.98 20.24 -0.31
N HIS A 218 5.87 20.44 0.39
CA HIS A 218 5.76 20.04 1.78
C HIS A 218 4.60 19.07 1.92
N ASP A 219 4.71 18.17 2.89
CA ASP A 219 3.70 17.15 3.12
C ASP A 219 3.09 17.24 4.52
N TYR A 220 1.76 17.13 4.60
CA TYR A 220 1.07 17.17 5.87
C TYR A 220 0.45 15.79 5.91
N ALA A 221 1.06 14.94 6.72
CA ALA A 221 0.71 13.53 6.76
C ALA A 221 0.33 13.20 8.19
N LEU A 222 -0.42 12.12 8.37
CA LEU A 222 -0.79 11.67 9.69
C LEU A 222 0.12 10.50 10.08
N LYS A 223 0.70 10.58 11.26
CA LYS A 223 1.54 9.49 11.74
C LYS A 223 0.63 8.37 12.21
N PRO A 224 1.10 7.13 12.11
CA PRO A 224 0.31 5.99 12.56
C PRO A 224 -0.26 6.20 13.95
N PHE A 225 -1.52 5.81 14.14
CA PHE A 225 -2.17 5.98 15.42
C PHE A 225 -1.58 5.03 16.46
N GLY A 226 -0.35 5.30 16.86
CA GLY A 226 0.34 4.49 17.85
C GLY A 226 1.77 4.17 17.47
N ARG A 227 2.39 3.26 18.21
CA ARG A 227 3.74 2.82 17.92
C ARG A 227 3.66 1.50 17.18
N THR A 228 4.31 1.42 16.03
CA THR A 228 4.21 0.23 15.24
C THR A 228 5.40 -0.66 15.57
N VAL A 229 5.36 -1.89 15.08
CA VAL A 229 6.48 -2.78 15.22
C VAL A 229 7.73 -2.16 14.60
N MET A 230 7.54 -1.40 13.53
CA MET A 230 8.67 -0.64 12.95
C MET A 230 9.41 0.26 13.96
N ASN A 231 8.67 1.05 14.74
CA ASN A 231 9.27 1.86 15.82
C ASN A 231 10.04 1.04 16.85
N GLU A 232 9.51 -0.15 17.18
CA GLU A 232 10.16 -0.99 18.20
C GLU A 232 11.47 -1.56 17.67
N LEU A 233 11.47 -1.90 16.39
CA LEU A 233 12.67 -2.38 15.69
C LEU A 233 13.69 -1.27 15.58
N LYS A 234 13.28 -0.14 15.03
CA LYS A 234 14.23 0.96 14.88
C LYS A 234 14.85 1.31 16.23
N ASP A 235 14.04 1.41 17.29
CA ASP A 235 14.53 1.88 18.61
C ASP A 235 15.47 0.87 19.33
N SER A 236 15.41 -0.40 18.98
CA SER A 236 16.35 -1.39 19.49
C SER A 236 17.53 -1.61 18.51
N ASP A 237 17.70 -0.66 17.59
CA ASP A 237 18.81 -0.61 16.62
C ASP A 237 18.74 -1.72 15.54
N TYR A 238 17.54 -2.18 15.22
CA TYR A 238 17.40 -3.08 14.09
C TYR A 238 17.32 -2.24 12.82
N ASP A 239 17.35 -2.95 11.69
CA ASP A 239 17.25 -2.31 10.38
C ASP A 239 15.84 -2.40 9.87
N VAL A 240 15.30 -1.24 9.50
CA VAL A 240 14.00 -1.22 8.85
C VAL A 240 14.15 -0.50 7.51
N ILE A 241 14.19 -1.30 6.44
CA ILE A 241 14.30 -0.81 5.07
C ILE A 241 12.93 -0.69 4.44
N ALA A 242 12.62 0.54 4.05
CA ALA A 242 11.34 0.83 3.43
C ALA A 242 11.49 1.03 1.92
N ILE A 243 10.79 0.19 1.17
CA ILE A 243 10.85 0.18 -0.31
C ILE A 243 9.51 0.58 -0.93
N GLY A 244 9.51 1.63 -1.76
CA GLY A 244 8.29 2.10 -2.41
C GLY A 244 7.57 3.14 -1.58
N LYS A 245 6.25 2.97 -1.44
CA LYS A 245 5.37 3.89 -0.68
C LYS A 245 5.45 3.68 0.84
N ILE A 246 6.15 2.63 1.29
CA ILE A 246 6.20 2.27 2.72
C ILE A 246 6.56 3.46 3.62
N SER A 247 7.52 4.25 3.18
CA SER A 247 7.96 5.36 3.97
C SER A 247 6.84 6.37 4.09
N ASP A 248 6.23 6.71 2.96
CA ASP A 248 5.07 7.59 2.98
C ASP A 248 3.97 7.04 3.87
N ILE A 249 3.65 5.77 3.70
CA ILE A 249 2.52 5.19 4.40
C ILE A 249 2.61 5.34 5.93
N TYR A 250 3.82 5.20 6.47
CA TYR A 250 4.06 5.28 7.91
C TYR A 250 4.73 6.61 8.27
N ASP A 251 4.70 7.57 7.34
CA ASP A 251 5.31 8.86 7.55
C ASP A 251 6.69 8.76 8.19
N GLY A 252 7.55 7.90 7.67
CA GLY A 252 8.92 7.76 8.20
C GLY A 252 9.06 7.06 9.54
N GLU A 253 7.93 6.74 10.18
CA GLU A 253 7.99 6.18 11.53
C GLU A 253 8.65 4.79 11.56
N GLY A 254 9.77 4.69 12.27
CA GLY A 254 10.47 3.42 12.37
C GLY A 254 11.33 3.05 11.17
N VAL A 255 11.42 3.93 10.17
CA VAL A 255 12.25 3.67 8.98
C VAL A 255 13.70 4.11 9.20
N THR A 256 14.62 3.17 9.00
CA THR A 256 16.08 3.46 9.01
C THR A 256 16.67 3.77 7.65
N GLU A 257 16.16 3.12 6.59
CA GLU A 257 16.54 3.49 5.21
C GLU A 257 15.35 3.37 4.25
N SER A 258 15.37 4.20 3.23
CA SER A 258 14.23 4.37 2.34
C SER A 258 14.60 4.25 0.84
N LEU A 259 13.96 3.32 0.14
CA LEU A 259 14.20 3.08 -1.29
C LEU A 259 12.94 3.39 -2.10
N ARG A 260 13.03 4.47 -2.87
CA ARG A 260 11.97 4.92 -3.73
C ARG A 260 11.92 3.98 -4.94
N THR A 261 10.74 3.79 -5.51
CA THR A 261 10.63 2.95 -6.68
C THR A 261 9.65 3.57 -7.65
N LYS A 262 9.84 3.33 -8.94
CA LYS A 262 8.97 3.89 -9.99
C LYS A 262 7.92 2.89 -10.51
N SER A 263 8.05 1.62 -10.15
CA SER A 263 7.19 0.58 -10.73
C SER A 263 7.27 -0.72 -9.94
N ASN A 264 6.39 -1.68 -10.23
CA ASN A 264 6.48 -3.00 -9.60
C ASN A 264 7.82 -3.71 -9.90
N MET A 265 8.27 -3.72 -11.15
CA MET A 265 9.56 -4.32 -11.45
C MET A 265 10.72 -3.59 -10.73
N ASP A 266 10.66 -2.27 -10.68
CA ASP A 266 11.71 -1.51 -10.00
C ASP A 266 11.71 -1.87 -8.51
N GLY A 267 10.53 -2.08 -7.95
CA GLY A 267 10.39 -2.47 -6.57
C GLY A 267 11.06 -3.81 -6.32
N MET A 268 10.84 -4.78 -7.21
CA MET A 268 11.47 -6.07 -7.04
C MET A 268 13.00 -5.98 -7.16
N ASP A 269 13.47 -5.11 -8.03
CA ASP A 269 14.91 -4.87 -8.17
C ASP A 269 15.53 -4.33 -6.87
N LYS A 270 14.82 -3.41 -6.23
CA LYS A 270 15.21 -2.87 -4.94
C LYS A 270 15.15 -3.93 -3.86
N LEU A 271 14.17 -4.82 -3.93
CA LEU A 271 14.12 -5.95 -3.02
C LEU A 271 15.38 -6.84 -3.15
N VAL A 272 15.75 -7.17 -4.38
CA VAL A 272 16.94 -7.93 -4.64
C VAL A 272 18.21 -7.20 -4.11
N ASP A 273 18.33 -5.88 -4.37
CA ASP A 273 19.39 -5.11 -3.72
C ASP A 273 19.49 -5.36 -2.20
N THR A 274 18.36 -5.47 -1.52
CA THR A 274 18.37 -5.60 -0.06
C THR A 274 18.72 -7.02 0.37
N LEU A 275 18.44 -7.97 -0.51
CA LEU A 275 18.88 -9.34 -0.31
C LEU A 275 20.37 -9.38 -0.48
N ASN A 276 20.92 -8.31 -1.05
CA ASN A 276 22.36 -8.16 -1.25
C ASN A 276 23.01 -7.20 -0.26
N MET A 277 22.29 -6.76 0.77
CA MET A 277 22.99 -6.00 1.83
C MET A 277 22.97 -6.72 3.18
N ASP A 278 23.97 -6.43 3.99
CA ASP A 278 24.02 -6.96 5.34
C ASP A 278 23.13 -6.12 6.23
N PHE A 279 21.99 -6.68 6.63
CA PHE A 279 21.15 -6.06 7.63
C PHE A 279 20.62 -7.11 8.59
N THR A 280 20.14 -6.64 9.74
CA THR A 280 19.46 -7.48 10.70
C THR A 280 18.21 -6.69 11.02
N GLY A 281 17.07 -7.27 10.69
CA GLY A 281 15.82 -6.56 10.84
C GLY A 281 14.92 -6.92 9.68
N LEU A 282 14.20 -5.91 9.18
CA LEU A 282 13.08 -6.06 8.27
C LEU A 282 13.34 -5.28 6.99
N SER A 283 13.14 -5.93 5.86
CA SER A 283 13.08 -5.21 4.58
C SER A 283 11.64 -5.31 4.14
N PHE A 284 11.06 -4.18 3.76
CA PHE A 284 9.61 -4.00 3.69
C PHE A 284 9.25 -3.28 2.36
N LEU A 285 8.60 -4.04 1.46
CA LEU A 285 8.33 -3.56 0.10
C LEU A 285 6.83 -3.40 -0.15
N ASN A 286 6.44 -2.29 -0.77
CA ASN A 286 5.07 -2.19 -1.30
C ASN A 286 5.08 -2.28 -2.82
N LEU A 287 4.26 -3.15 -3.37
CA LEU A 287 4.09 -3.22 -4.79
C LEU A 287 2.73 -2.59 -5.04
N VAL A 288 2.73 -1.37 -5.58
CA VAL A 288 1.55 -0.50 -5.58
C VAL A 288 0.79 -0.56 -6.90
N ASP A 289 1.48 -1.00 -7.96
CA ASP A 289 0.92 -0.94 -9.31
C ASP A 289 -0.37 -1.69 -9.44
N PHE A 290 -0.49 -2.85 -8.80
CA PHE A 290 -1.71 -3.65 -8.88
C PHE A 290 -2.90 -2.74 -8.56
N ASP A 291 -2.77 -1.99 -7.48
CA ASP A 291 -3.82 -1.07 -7.06
C ASP A 291 -3.91 0.20 -7.95
N ALA A 292 -2.83 0.98 -8.04
CA ALA A 292 -2.84 2.27 -8.78
C ALA A 292 -3.18 2.12 -10.27
N LEU A 293 -2.50 1.20 -10.93
CA LEU A 293 -2.60 1.04 -12.37
C LEU A 293 -3.73 0.13 -12.81
N PHE A 294 -4.14 -0.80 -11.95
CA PHE A 294 -5.05 -1.85 -12.43
C PHE A 294 -6.40 -1.95 -11.73
N GLY A 295 -6.42 -2.04 -10.40
CA GLY A 295 -7.70 -2.03 -9.65
C GLY A 295 -8.52 -0.75 -9.82
N HIS A 296 -7.86 0.41 -9.66
CA HIS A 296 -8.55 1.70 -9.78
C HIS A 296 -8.91 2.04 -11.23
N ARG A 297 -8.15 1.48 -12.19
CA ARG A 297 -8.56 1.61 -13.59
C ARG A 297 -9.52 0.49 -14.04
N ARG A 298 -9.92 -0.38 -13.12
CA ARG A 298 -10.78 -1.54 -13.43
C ARG A 298 -10.25 -2.27 -14.68
N ASP A 299 -8.97 -2.65 -14.64
CA ASP A 299 -8.36 -3.33 -15.78
C ASP A 299 -7.92 -4.69 -15.24
N PRO A 300 -8.69 -5.75 -15.52
CA PRO A 300 -8.41 -7.08 -14.97
C PRO A 300 -7.37 -7.77 -15.82
N GLN A 301 -7.29 -7.43 -17.12
CA GLN A 301 -6.27 -7.99 -18.01
C GLN A 301 -4.85 -7.53 -17.65
N GLY A 302 -4.66 -6.22 -17.49
CA GLY A 302 -3.38 -5.67 -17.13
C GLY A 302 -3.02 -6.15 -15.75
N TYR A 303 -4.02 -6.26 -14.88
CA TYR A 303 -3.84 -6.80 -13.53
C TYR A 303 -3.34 -8.27 -13.54
N GLY A 304 -4.00 -9.14 -14.30
CA GLY A 304 -3.49 -10.49 -14.53
C GLY A 304 -2.04 -10.49 -15.03
N GLU A 305 -1.78 -9.68 -16.05
CA GLU A 305 -0.45 -9.59 -16.61
C GLU A 305 0.57 -9.18 -15.57
N ALA A 306 0.26 -8.20 -14.73
CA ALA A 306 1.19 -7.79 -13.66
C ALA A 306 1.39 -8.86 -12.58
N LEU A 307 0.35 -9.65 -12.31
CA LEU A 307 0.44 -10.72 -11.32
C LEU A 307 1.44 -11.74 -11.81
N GLN A 308 1.29 -12.16 -13.07
CA GLN A 308 2.20 -13.10 -13.73
C GLN A 308 3.61 -12.54 -13.84
N GLU A 309 3.74 -11.26 -14.11
CA GLU A 309 5.03 -10.66 -14.25
C GLU A 309 5.74 -10.66 -12.89
N TYR A 310 4.99 -10.35 -11.83
CA TYR A 310 5.53 -10.36 -10.47
C TYR A 310 6.00 -11.76 -10.10
N ASP A 311 5.16 -12.77 -10.34
CA ASP A 311 5.49 -14.17 -10.05
C ASP A 311 6.77 -14.63 -10.76
N ALA A 312 6.98 -14.14 -11.97
CA ALA A 312 8.15 -14.45 -12.76
C ALA A 312 9.42 -13.87 -12.12
N ARG A 313 9.26 -12.91 -11.23
CA ARG A 313 10.41 -12.36 -10.50
C ARG A 313 10.75 -13.18 -9.27
N LEU A 314 9.83 -14.03 -8.81
CA LEU A 314 10.08 -14.72 -7.54
C LEU A 314 11.27 -15.71 -7.49
N PRO A 315 11.62 -16.34 -8.63
CA PRO A 315 12.78 -17.23 -8.61
C PRO A 315 14.10 -16.51 -8.32
N GLU A 316 14.18 -15.26 -8.71
CA GLU A 316 15.34 -14.44 -8.46
C GLU A 316 15.41 -14.23 -6.94
N VAL A 317 14.25 -14.02 -6.33
CA VAL A 317 14.19 -13.85 -4.89
C VAL A 317 14.58 -15.16 -4.20
N PHE A 318 14.05 -16.27 -4.68
CA PHE A 318 14.36 -17.54 -4.08
C PHE A 318 15.84 -17.81 -4.13
N ALA A 319 16.50 -17.28 -5.15
CA ALA A 319 17.91 -17.55 -5.38
C ALA A 319 18.81 -16.84 -4.37
N LYS A 320 18.30 -15.78 -3.76
CA LYS A 320 19.12 -14.96 -2.86
C LYS A 320 18.82 -15.19 -1.37
N LEU A 321 17.68 -15.81 -1.06
CA LEU A 321 17.30 -16.14 0.31
C LEU A 321 18.24 -17.10 1.02
N LYS A 322 18.72 -16.70 2.19
CA LYS A 322 19.57 -17.56 2.99
C LYS A 322 18.68 -18.36 3.92
N GLU A 323 19.25 -19.36 4.56
CA GLU A 323 18.51 -20.24 5.46
C GLU A 323 17.93 -19.55 6.68
N ASP A 324 18.54 -18.43 7.05
CA ASP A 324 18.04 -17.65 8.19
C ASP A 324 17.21 -16.44 7.76
N ASP A 325 16.77 -16.45 6.50
CA ASP A 325 15.89 -15.40 5.97
C ASP A 325 14.48 -15.95 5.96
N LEU A 326 13.52 -15.09 6.21
CA LEU A 326 12.11 -15.43 6.03
C LEU A 326 11.44 -14.46 5.07
N LEU A 327 10.81 -15.02 4.05
CA LEU A 327 10.01 -14.25 3.13
C LEU A 327 8.56 -14.36 3.56
N LEU A 328 7.95 -13.20 3.70
CA LEU A 328 6.52 -13.11 3.92
C LEU A 328 5.89 -12.32 2.80
N ILE A 329 4.75 -12.84 2.33
CA ILE A 329 4.02 -12.30 1.21
C ILE A 329 2.53 -12.18 1.55
N THR A 330 2.02 -10.96 1.41
CA THR A 330 0.66 -10.64 1.83
C THR A 330 0.07 -9.48 1.00
N ALA A 331 -1.14 -9.06 1.36
CA ALA A 331 -1.80 -7.87 0.81
C ALA A 331 -2.46 -7.05 1.95
N ASP A 332 -2.85 -5.80 1.66
CA ASP A 332 -3.37 -4.91 2.70
C ASP A 332 -4.86 -4.62 2.54
N HIS A 333 -5.44 -5.03 1.43
CA HIS A 333 -6.89 -5.01 1.19
C HIS A 333 -7.08 -5.67 -0.16
N GLY A 334 -8.32 -5.69 -0.67
CA GLY A 334 -8.57 -6.05 -2.06
C GLY A 334 -8.86 -4.79 -2.88
N ASN A 335 -8.88 -4.95 -4.21
CA ASN A 335 -9.40 -3.95 -5.14
C ASN A 335 -9.86 -4.63 -6.44
N ASP A 336 -11.03 -5.25 -6.39
CA ASP A 336 -11.43 -6.16 -7.43
C ASP A 336 -11.77 -5.34 -8.69
N PRO A 337 -11.09 -5.63 -9.79
CA PRO A 337 -11.25 -4.81 -10.99
C PRO A 337 -12.56 -5.11 -11.74
N ILE A 338 -13.29 -6.16 -11.34
CA ILE A 338 -14.63 -6.51 -11.87
C ILE A 338 -15.76 -5.92 -11.03
N HIS A 339 -15.51 -5.77 -9.73
CA HIS A 339 -16.47 -5.22 -8.78
C HIS A 339 -16.77 -3.75 -9.12
N PRO A 340 -18.05 -3.34 -9.00
CA PRO A 340 -18.54 -1.97 -9.23
C PRO A 340 -17.71 -0.83 -8.64
N GLY A 341 -17.52 0.23 -9.42
CA GLY A 341 -16.81 1.40 -8.96
C GLY A 341 -15.32 1.18 -8.82
N THR A 342 -14.63 2.19 -8.29
CA THR A 342 -13.16 2.23 -8.36
C THR A 342 -12.50 2.16 -6.99
N ASP A 343 -13.32 2.18 -5.94
CA ASP A 343 -12.80 2.06 -4.57
C ASP A 343 -12.13 0.68 -4.27
N HIS A 344 -11.42 0.55 -3.15
CA HIS A 344 -10.91 -0.76 -2.70
C HIS A 344 -12.06 -1.70 -2.34
N THR A 345 -11.74 -2.95 -2.04
CA THR A 345 -12.75 -3.94 -1.62
C THR A 345 -12.33 -4.65 -0.32
N ARG A 346 -13.30 -4.84 0.56
CA ARG A 346 -13.09 -5.53 1.83
C ARG A 346 -13.00 -7.05 1.60
N GLU A 347 -11.77 -7.53 1.69
CA GLU A 347 -11.39 -8.90 1.37
C GLU A 347 -10.35 -9.43 2.38
N TYR A 348 -10.36 -10.74 2.53
CA TYR A 348 -9.28 -11.51 3.12
C TYR A 348 -8.06 -11.28 2.27
N VAL A 349 -6.88 -11.39 2.85
CA VAL A 349 -5.66 -11.28 2.07
C VAL A 349 -4.83 -12.57 2.25
N PRO A 350 -4.11 -13.00 1.21
CA PRO A 350 -3.34 -14.20 1.45
C PRO A 350 -2.11 -13.94 2.33
N LEU A 351 -1.59 -15.01 2.94
CA LEU A 351 -0.34 -14.92 3.67
C LEU A 351 0.49 -16.13 3.31
N LEU A 352 1.67 -15.89 2.74
CA LEU A 352 2.65 -16.98 2.47
C LEU A 352 3.93 -16.68 3.23
N ALA A 353 4.47 -17.70 3.87
CA ALA A 353 5.70 -17.56 4.65
C ALA A 353 6.68 -18.61 4.19
N TYR A 354 7.77 -18.16 3.58
CA TYR A 354 8.79 -19.09 3.15
C TYR A 354 10.19 -18.82 3.69
N SER A 355 10.85 -19.89 4.10
CA SER A 355 12.28 -19.89 4.38
C SER A 355 12.93 -21.15 3.83
N PRO A 356 14.11 -21.03 3.20
CA PRO A 356 14.88 -22.21 2.73
C PRO A 356 15.29 -23.18 3.86
N SER A 357 15.15 -22.74 5.10
CA SER A 357 15.36 -23.60 6.26
C SER A 357 14.11 -24.43 6.61
N MET A 358 13.03 -24.25 5.84
CA MET A 358 11.85 -25.11 5.93
C MET A 358 12.13 -26.32 5.05
N LYS A 359 12.91 -27.26 5.58
CA LYS A 359 13.51 -28.29 4.77
C LYS A 359 12.52 -29.31 4.21
N GLU A 360 11.52 -29.66 5.01
CA GLU A 360 10.46 -30.56 4.52
C GLU A 360 9.15 -29.82 4.15
N GLY A 361 9.26 -28.53 3.82
CA GLY A 361 8.11 -27.76 3.34
C GLY A 361 7.27 -27.23 4.50
N GLY A 362 6.17 -26.57 4.18
CA GLY A 362 5.30 -25.98 5.20
C GLY A 362 3.94 -26.62 5.35
N GLN A 363 2.98 -25.84 5.87
CA GLN A 363 1.67 -26.35 6.22
C GLN A 363 0.69 -25.22 6.40
N GLU A 364 -0.60 -25.57 6.40
CA GLU A 364 -1.66 -24.59 6.61
C GLU A 364 -1.55 -24.01 7.99
N LEU A 365 -1.46 -22.68 8.04
CA LEU A 365 -1.53 -21.93 9.28
C LEU A 365 -3.02 -21.72 9.64
N PRO A 366 -3.33 -21.52 10.94
CA PRO A 366 -4.71 -21.18 11.25
C PRO A 366 -5.02 -19.81 10.64
N LEU A 367 -6.28 -19.59 10.29
CA LEU A 367 -6.73 -18.31 9.70
C LEU A 367 -6.34 -17.13 10.61
N ARG A 368 -5.65 -16.13 10.07
CA ARG A 368 -5.20 -15.00 10.90
C ARG A 368 -6.31 -13.97 11.14
N GLN A 369 -6.55 -13.69 12.41
CA GLN A 369 -7.70 -12.92 12.87
C GLN A 369 -7.53 -11.42 12.70
N THR A 370 -6.28 -10.99 12.62
CA THR A 370 -5.95 -9.61 12.34
C THR A 370 -4.67 -9.57 11.50
N PHE A 371 -4.50 -8.52 10.69
CA PHE A 371 -3.27 -8.37 9.90
C PHE A 371 -2.09 -8.26 10.85
N ALA A 372 -2.36 -7.79 12.07
CA ALA A 372 -1.34 -7.50 13.11
C ALA A 372 -0.55 -8.74 13.50
N ASP A 373 -1.10 -9.90 13.18
CA ASP A 373 -0.35 -11.16 13.32
C ASP A 373 1.04 -11.14 12.61
N ILE A 374 1.15 -10.39 11.51
CA ILE A 374 2.44 -10.19 10.86
C ILE A 374 3.41 -9.46 11.77
N GLY A 375 3.08 -8.23 12.19
CA GLY A 375 3.89 -7.49 13.17
C GLY A 375 4.26 -8.25 14.43
N ALA A 376 3.29 -8.99 14.98
CA ALA A 376 3.53 -9.84 16.14
C ALA A 376 4.61 -10.89 15.86
N THR A 377 4.55 -11.49 14.67
CA THR A 377 5.55 -12.46 14.26
C THR A 377 6.88 -11.76 14.10
N VAL A 378 6.87 -10.57 13.50
CA VAL A 378 8.11 -9.86 13.26
C VAL A 378 8.77 -9.52 14.60
N ALA A 379 7.96 -9.10 15.59
CA ALA A 379 8.50 -8.68 16.88
C ALA A 379 8.93 -9.85 17.76
N GLU A 380 8.17 -10.95 17.75
CA GLU A 380 8.59 -12.08 18.54
C GLU A 380 9.97 -12.51 18.03
N ASN A 381 10.14 -12.50 16.71
CA ASN A 381 11.40 -12.90 16.07
C ASN A 381 12.61 -12.08 16.57
N PHE A 382 12.48 -10.76 16.59
CA PHE A 382 13.60 -9.89 16.95
C PHE A 382 13.68 -9.55 18.44
N GLY A 383 12.74 -10.07 19.21
CA GLY A 383 12.71 -9.88 20.67
C GLY A 383 12.46 -8.47 21.16
N VAL A 384 11.77 -7.66 20.37
CA VAL A 384 11.37 -6.30 20.78
C VAL A 384 9.98 -6.31 21.41
N LYS A 385 9.49 -5.14 21.82
CA LYS A 385 8.16 -5.00 22.40
C LYS A 385 7.07 -5.54 21.45
N MET A 386 6.26 -6.49 21.94
CA MET A 386 5.13 -7.04 21.19
C MET A 386 4.04 -5.98 20.94
N PRO A 387 3.39 -6.00 19.76
CA PRO A 387 2.31 -5.04 19.49
C PRO A 387 1.10 -5.30 20.37
N GLU A 388 0.21 -4.31 20.49
CA GLU A 388 -1.00 -4.43 21.32
C GLU A 388 -2.01 -5.47 20.77
N TYR A 389 -1.97 -5.66 19.45
CA TYR A 389 -2.93 -6.55 18.79
C TYR A 389 -2.09 -7.56 17.97
N GLY A 390 -2.65 -8.71 17.64
CA GLY A 390 -1.91 -9.67 16.85
C GLY A 390 -1.37 -10.84 17.64
N THR A 391 -1.37 -12.00 17.01
CA THR A 391 -0.83 -13.22 17.59
C THR A 391 0.26 -13.71 16.66
N SER A 392 1.49 -13.75 17.17
CA SER A 392 2.64 -14.28 16.45
C SER A 392 2.44 -15.74 16.03
N PHE A 393 2.89 -16.07 14.81
CA PHE A 393 2.89 -17.46 14.34
C PHE A 393 4.31 -18.02 14.11
N LEU A 394 5.31 -17.35 14.68
CA LEU A 394 6.71 -17.74 14.54
C LEU A 394 6.96 -19.18 15.01
N ASN A 395 6.28 -19.55 16.08
CA ASN A 395 6.45 -20.86 16.67
C ASN A 395 5.88 -21.99 15.84
N GLU A 396 5.05 -21.66 14.87
CA GLU A 396 4.55 -22.64 13.92
C GLU A 396 5.57 -22.89 12.78
N LEU A 397 6.45 -21.91 12.55
CA LEU A 397 7.43 -21.99 11.47
C LEU A 397 8.61 -22.88 11.85
MN MN B . -6.05 2.18 -3.75
MN MN C . -3.31 -0.53 -0.64
#